data_207D
#
_entry.id   207D
#
_cell.length_a   1.000
_cell.length_b   1.000
_cell.length_c   1.000
_cell.angle_alpha   90.00
_cell.angle_beta   90.00
_cell.angle_gamma   90.00
#
_symmetry.space_group_name_H-M   'P 1'
#
loop_
_entity.id
_entity.type
_entity.pdbx_description
1 polymer "DNA (5'-D(*TP*AP*GP*CP*TP*AP*GP*CP*TP*A)-3')"
2 branched beta-D-Olivopyranose-(1-3)-beta-D-Olivopyranose
3 branched 2,6-dideoxy-3-C-methyl-beta-D-ribo-hexopyranose-(1-3)-2,6-dideoxy-beta-D-galactopyranose-(1-3)-beta-D-Olivopyranose
4 non-polymer 'MAGNESIUM ION'
5 non-polymer 1,2-HYDRO-1-OXY-3,4-HYDRO-3-(1-METHOXY-2-OXY-3,4-DIHYDROXYPENTYL)-8,9-DIHYROXY-7-METHYLANTHRACENE
#
_entity_poly.entity_id   1
_entity_poly.type   'polydeoxyribonucleotide'
_entity_poly.pdbx_seq_one_letter_code
;(DT)(DA)(DG)(DC)(DT)(DA)(DG)(DC)(DT)(DA)
;
_entity_poly.pdbx_strand_id   A,B
#